data_5UDY
#
_entry.id   5UDY
#
_cell.length_a   103.246
_cell.length_b   103.246
_cell.length_c   113.554
_cell.angle_alpha   90.00
_cell.angle_beta   90.00
_cell.angle_gamma   120.00
#
_symmetry.space_group_name_H-M   'P 31 2 1'
#
loop_
_entity.id
_entity.type
_entity.pdbx_description
1 polymer 'Ectonucleotide pyrophosphatase/phosphodiesterase family member 7'
2 branched 2-acetamido-2-deoxy-beta-D-glucopyranose-(1-4)-2-acetamido-2-deoxy-beta-D-glucopyranose
3 branched 2-acetamido-2-deoxy-beta-D-glucopyranose-(1-4)-[alpha-L-fucopyranose-(1-6)]2-acetamido-2-deoxy-beta-D-glucopyranose
4 non-polymer 'ZINC ION'
5 non-polymer 2-acetamido-2-deoxy-beta-D-glucopyranose
6 non-polymer 'SODIUM ION'
7 non-polymer 'IODIDE ION'
8 water water
#
_entity_poly.entity_id   1
_entity_poly.type   'polypeptide(L)'
_entity_poly.pdbx_seq_one_letter_code
;DRHHHHHHKLAPVQSQGSQNKLLLVSFDGFRWNYDQDVDTPNLDAMARDGVKARYMTPAFVTMTSPCHFTLVTGKYIENH
GVVHNMYYNTTSKVKLPYHATLGIQRWWDNGSVPIWITAQRQGLRAGSFFYPGGNVTYQGVAVTRSRKEGIAHNYKNETE
WRANIDTVMAWFTEEDLDLVTLYFGEPDSTGHRYGPESPERREMVRQVDRTVGYLRESIARNHLTDRLNLIITSDHGMTT
VDKRAGDLVEFHKFPNFTFRDIEFELLDYGPNGMLLPKEGRLEKVYDALKDAHPKLHVYKKEAFPEAFHYANNPRVTPLL
MYSDLGYVIHGRINVQFNNGEHGFDNKDMDMKTIFRAVGPSFRAGLEVEPFESVHVYELMCRLLGIVPEANDGHLATLLP
MLHTESALPPDGRPTLLPKGRS
;
_entity_poly.pdbx_strand_id   A
#
loop_
_chem_comp.id
_chem_comp.type
_chem_comp.name
_chem_comp.formula
FUC L-saccharide, alpha linking alpha-L-fucopyranose 'C6 H12 O5'
IOD non-polymer 'IODIDE ION' 'I -1'
NA non-polymer 'SODIUM ION' 'Na 1'
NAG D-saccharide, beta linking 2-acetamido-2-deoxy-beta-D-glucopyranose 'C8 H15 N O6'
ZN non-polymer 'ZINC ION' 'Zn 2'
#
# COMPACT_ATOMS: atom_id res chain seq x y z
N GLN A 19 7.91 -24.35 13.84
CA GLN A 19 7.75 -23.05 13.20
C GLN A 19 6.36 -22.49 13.42
N ASN A 20 6.25 -21.17 13.46
CA ASN A 20 4.98 -20.49 13.62
C ASN A 20 4.44 -20.04 12.27
N LYS A 21 3.12 -20.03 12.15
CA LYS A 21 2.48 -19.52 10.95
C LYS A 21 2.41 -18.00 10.99
N LEU A 22 2.20 -17.40 9.83
CA LEU A 22 2.17 -15.93 9.72
C LEU A 22 0.89 -15.50 9.03
N LEU A 23 0.21 -14.53 9.61
CA LEU A 23 -0.97 -13.88 9.01
C LEU A 23 -0.71 -12.38 8.98
N LEU A 24 -0.56 -11.84 7.77
CA LEU A 24 -0.43 -10.41 7.55
C LEU A 24 -1.78 -9.88 7.07
N VAL A 25 -2.31 -8.89 7.77
CA VAL A 25 -3.58 -8.28 7.41
C VAL A 25 -3.32 -6.80 7.12
N SER A 26 -3.91 -6.31 6.03
CA SER A 26 -3.82 -4.91 5.66
C SER A 26 -5.23 -4.33 5.54
N PHE A 27 -5.46 -3.21 6.20
CA PHE A 27 -6.67 -2.41 6.06
C PHE A 27 -6.30 -1.16 5.26
N ASP A 28 -6.74 -1.11 4.01
CA ASP A 28 -6.28 -0.07 3.10
C ASP A 28 -6.53 1.31 3.69
N GLY A 29 -5.52 2.17 3.59
CA GLY A 29 -5.66 3.58 3.97
C GLY A 29 -6.01 3.80 5.43
N PHE A 30 -5.33 3.10 6.33
CA PHE A 30 -5.55 3.25 7.77
C PHE A 30 -4.51 4.22 8.30
N ARG A 31 -4.91 5.47 8.56
CA ARG A 31 -3.97 6.47 9.02
C ARG A 31 -3.49 6.16 10.43
N TRP A 32 -2.24 6.56 10.70
CA TRP A 32 -1.57 6.17 11.93
C TRP A 32 -2.36 6.55 13.18
N ASN A 33 -3.16 7.62 13.12
CA ASN A 33 -3.88 8.10 14.29
C ASN A 33 -5.38 7.91 14.18
N TYR A 34 -5.83 7.02 13.30
CA TYR A 34 -7.26 6.78 13.17
C TYR A 34 -7.86 6.21 14.45
N ASP A 35 -7.05 5.50 15.24
CA ASP A 35 -7.52 4.96 16.50
C ASP A 35 -7.57 6.00 17.61
N GLN A 36 -7.01 7.19 17.39
CA GLN A 36 -6.88 8.16 18.48
C GLN A 36 -8.19 8.86 18.80
N ASP A 37 -9.03 9.14 17.81
CA ASP A 37 -10.34 9.74 18.02
C ASP A 37 -11.48 8.74 17.78
N VAL A 38 -11.22 7.47 18.08
CA VAL A 38 -12.24 6.42 18.00
C VAL A 38 -12.02 5.46 19.15
N ASP A 39 -13.11 4.87 19.63
CA ASP A 39 -13.03 3.81 20.63
C ASP A 39 -12.57 2.53 19.93
N THR A 40 -11.35 2.11 20.22
CA THR A 40 -10.74 0.93 19.60
C THR A 40 -10.33 -0.04 20.71
N PRO A 41 -11.29 -0.73 21.32
CA PRO A 41 -10.93 -1.65 22.41
C PRO A 41 -10.00 -2.77 21.97
N ASN A 42 -10.28 -3.37 20.82
CA ASN A 42 -9.53 -4.55 20.39
C ASN A 42 -8.12 -4.19 19.94
N LEU A 43 -7.95 -3.03 19.28
CA LEU A 43 -6.61 -2.58 18.94
C LEU A 43 -5.81 -2.24 20.19
N ASP A 44 -6.44 -1.57 21.16
CA ASP A 44 -5.77 -1.24 22.41
C ASP A 44 -5.28 -2.52 23.10
N ALA A 45 -6.14 -3.54 23.16
CA ALA A 45 -5.73 -4.82 23.74
C ALA A 45 -4.53 -5.38 22.98
N MET A 46 -4.58 -5.34 21.65
CA MET A 46 -3.48 -5.87 20.86
C MET A 46 -2.20 -5.08 21.10
N ALA A 47 -2.31 -3.79 21.40
CA ALA A 47 -1.13 -3.03 21.79
C ALA A 47 -0.57 -3.54 23.11
N ARG A 48 -1.45 -3.82 24.08
CA ARG A 48 -1.00 -4.37 25.36
C ARG A 48 -0.34 -5.73 25.16
N ASP A 49 -0.96 -6.59 24.36
CA ASP A 49 -0.50 -7.97 24.22
C ASP A 49 0.60 -8.14 23.20
N GLY A 50 0.98 -7.09 22.48
CA GLY A 50 1.92 -7.23 21.38
C GLY A 50 2.76 -5.99 21.17
N VAL A 51 3.09 -5.73 19.91
CA VAL A 51 3.97 -4.64 19.53
C VAL A 51 3.19 -3.60 18.75
N LYS A 52 3.63 -2.35 18.85
CA LYS A 52 3.04 -1.23 18.14
C LYS A 52 4.15 -0.25 17.74
N ALA A 53 4.04 0.30 16.54
CA ALA A 53 4.90 1.39 16.13
C ALA A 53 4.17 2.71 16.33
N ARG A 54 4.89 3.73 16.81
CA ARG A 54 4.28 5.05 16.95
C ARG A 54 3.59 5.42 15.64
N TYR A 55 4.30 5.27 14.53
CA TYR A 55 3.68 5.28 13.21
C TYR A 55 4.67 4.63 12.25
N MET A 56 4.17 4.21 11.09
CA MET A 56 4.99 3.62 10.05
C MET A 56 4.97 4.52 8.83
N THR A 57 6.15 4.78 8.27
CA THR A 57 6.27 5.63 7.09
C THR A 57 6.14 4.77 5.85
N PRO A 58 5.18 5.03 4.96
CA PRO A 58 5.04 4.21 3.76
C PRO A 58 5.99 4.65 2.67
N ALA A 59 6.10 3.79 1.65
CA ALA A 59 6.91 4.13 0.50
C ALA A 59 6.21 5.18 -0.36
N PHE A 60 7.01 5.90 -1.14
CA PHE A 60 6.48 6.87 -2.08
C PHE A 60 6.64 6.30 -3.50
N VAL A 61 5.63 6.39 -4.36
CA VAL A 61 4.35 7.06 -4.09
C VAL A 61 3.48 6.30 -3.10
N THR A 62 2.72 7.07 -2.32
CA THR A 62 1.79 6.50 -1.33
C THR A 62 0.50 6.07 -2.03
N MET A 63 0.64 5.06 -2.89
CA MET A 63 -0.47 4.44 -3.59
C MET A 63 -0.70 3.03 -3.06
N THR A 64 -1.91 2.52 -3.31
CA THR A 64 -2.30 1.23 -2.77
C THR A 64 -1.39 0.11 -3.27
N SER A 65 -1.36 -0.12 -4.59
CA SER A 65 -0.61 -1.25 -5.11
C SER A 65 0.89 -1.11 -4.90
N PRO A 66 1.54 0.00 -5.24
CA PRO A 66 2.98 0.10 -4.99
C PRO A 66 3.36 -0.12 -3.53
N CYS A 67 2.62 0.48 -2.59
CA CYS A 67 2.95 0.31 -1.18
C CYS A 67 2.71 -1.12 -0.72
N HIS A 68 1.65 -1.76 -1.19
CA HIS A 68 1.40 -3.14 -0.80
C HIS A 68 2.50 -4.05 -1.32
N PHE A 69 2.97 -3.82 -2.54
CA PHE A 69 4.03 -4.66 -3.08
C PHE A 69 5.33 -4.45 -2.32
N THR A 70 5.59 -3.23 -1.84
CA THR A 70 6.77 -3.01 -1.02
C THR A 70 6.72 -3.87 0.25
N LEU A 71 5.54 -4.04 0.83
CA LEU A 71 5.41 -4.84 2.05
C LEU A 71 5.79 -6.30 1.81
N VAL A 72 5.56 -6.82 0.61
CA VAL A 72 5.81 -8.23 0.33
C VAL A 72 7.08 -8.46 -0.48
N THR A 73 7.84 -7.40 -0.78
CA THR A 73 9.13 -7.54 -1.44
C THR A 73 10.28 -6.93 -0.65
N GLY A 74 9.99 -6.05 0.31
CA GLY A 74 11.04 -5.36 1.02
C GLY A 74 11.80 -4.37 0.16
N LYS A 75 11.24 -3.99 -0.98
CA LYS A 75 11.92 -3.11 -1.92
C LYS A 75 11.19 -1.79 -2.04
N TYR A 76 11.95 -0.73 -2.29
CA TYR A 76 11.36 0.54 -2.67
C TYR A 76 10.70 0.42 -4.04
N ILE A 77 9.82 1.37 -4.32
CA ILE A 77 8.96 1.24 -5.48
C ILE A 77 9.77 1.28 -6.76
N GLU A 78 10.80 2.12 -6.82
CA GLU A 78 11.61 2.16 -8.03
C GLU A 78 12.27 0.82 -8.31
N ASN A 79 12.46 -0.01 -7.28
CA ASN A 79 13.21 -1.24 -7.44
C ASN A 79 12.34 -2.45 -7.74
N HIS A 80 11.07 -2.46 -7.32
CA HIS A 80 10.20 -3.58 -7.64
C HIS A 80 9.30 -3.32 -8.84
N GLY A 81 9.20 -2.07 -9.28
CA GLY A 81 8.63 -1.76 -10.59
C GLY A 81 7.13 -1.51 -10.63
N VAL A 82 6.39 -1.84 -9.58
CA VAL A 82 4.98 -1.51 -9.53
C VAL A 82 4.85 -0.04 -9.13
N VAL A 83 4.98 0.85 -10.12
CA VAL A 83 5.13 2.28 -9.85
C VAL A 83 3.78 2.99 -9.86
N HIS A 84 2.70 2.25 -10.01
CA HIS A 84 1.38 2.89 -10.08
C HIS A 84 0.28 1.86 -9.83
N ASN A 85 -0.84 2.34 -9.28
CA ASN A 85 -2.02 1.48 -9.19
C ASN A 85 -2.44 0.97 -10.55
N MET A 86 -2.26 1.78 -11.59
CA MET A 86 -2.70 1.46 -12.93
C MET A 86 -1.55 0.90 -13.75
N TYR A 87 -1.78 -0.22 -14.41
CA TYR A 87 -0.90 -0.61 -15.50
C TYR A 87 -1.03 0.42 -16.61
N TYR A 88 0.10 0.84 -17.16
CA TYR A 88 0.09 1.75 -18.30
C TYR A 88 1.19 1.36 -19.25
N ASN A 89 1.04 1.83 -20.48
CA ASN A 89 1.97 1.48 -21.56
C ASN A 89 2.04 2.69 -22.48
N THR A 90 3.19 3.38 -22.48
CA THR A 90 3.30 4.63 -23.21
C THR A 90 3.16 4.44 -24.71
N THR A 91 3.49 3.25 -25.21
CA THR A 91 3.41 3.01 -26.66
C THR A 91 1.96 2.82 -27.10
N SER A 92 1.23 1.91 -26.43
CA SER A 92 -0.14 1.61 -26.81
C SER A 92 -1.14 2.60 -26.23
N LYS A 93 -0.76 3.36 -25.21
CA LYS A 93 -1.59 4.39 -24.58
C LYS A 93 -2.61 3.80 -23.63
N VAL A 94 -2.47 2.52 -23.28
CA VAL A 94 -3.42 1.86 -22.40
C VAL A 94 -3.21 2.32 -20.96
N LYS A 95 -4.30 2.55 -20.25
CA LYS A 95 -4.28 2.82 -18.82
C LYS A 95 -5.39 2.01 -18.18
N LEU A 96 -5.03 1.01 -17.37
CA LEU A 96 -6.01 0.12 -16.77
C LEU A 96 -6.21 0.47 -15.31
N PRO A 97 -7.46 0.58 -14.83
CA PRO A 97 -7.68 0.94 -13.43
C PRO A 97 -7.21 -0.13 -12.46
N TYR A 98 -7.40 0.12 -11.17
CA TYR A 98 -6.76 -0.69 -10.13
C TYR A 98 -7.14 -2.16 -10.25
N HIS A 99 -8.44 -2.46 -10.34
CA HIS A 99 -8.86 -3.85 -10.30
C HIS A 99 -8.34 -4.63 -11.50
N ALA A 100 -8.45 -4.05 -12.71
CA ALA A 100 -7.95 -4.73 -13.89
C ALA A 100 -6.45 -5.00 -13.77
N THR A 101 -5.70 -4.04 -13.22
CA THR A 101 -4.26 -4.21 -13.09
C THR A 101 -3.92 -5.39 -12.17
N LEU A 102 -4.80 -5.73 -11.23
CA LEU A 102 -4.55 -6.86 -10.35
C LEU A 102 -4.36 -8.15 -11.13
N GLY A 103 -4.79 -8.19 -12.39
CA GLY A 103 -4.65 -9.37 -13.21
C GLY A 103 -3.64 -9.26 -14.34
N ILE A 104 -2.90 -8.16 -14.42
CA ILE A 104 -1.87 -7.98 -15.45
C ILE A 104 -0.58 -8.56 -14.89
N GLN A 105 -0.22 -9.76 -15.35
CA GLN A 105 0.94 -10.45 -14.78
C GLN A 105 2.23 -9.66 -15.01
N ARG A 106 2.42 -9.13 -16.23
CA ARG A 106 3.67 -8.45 -16.53
C ARG A 106 3.91 -7.24 -15.64
N TRP A 107 2.84 -6.65 -15.08
CA TRP A 107 3.01 -5.51 -14.19
C TRP A 107 3.74 -5.90 -12.92
N TRP A 108 3.35 -7.03 -12.32
CA TRP A 108 3.89 -7.46 -11.03
C TRP A 108 5.11 -8.36 -11.17
N ASP A 109 5.21 -9.12 -12.25
CA ASP A 109 6.35 -10.02 -12.47
C ASP A 109 7.40 -9.28 -13.29
N ASN A 110 8.10 -8.37 -12.63
CA ASN A 110 9.04 -7.48 -13.29
C ASN A 110 10.44 -7.60 -12.68
N GLY A 111 10.82 -8.80 -12.29
CA GLY A 111 12.15 -9.08 -11.77
C GLY A 111 12.24 -9.12 -10.26
N SER A 112 11.17 -8.77 -9.55
CA SER A 112 11.11 -8.89 -8.10
C SER A 112 10.19 -10.03 -7.71
N VAL A 113 10.51 -10.67 -6.60
CA VAL A 113 9.81 -11.88 -6.16
C VAL A 113 9.07 -11.56 -4.86
N PRO A 114 7.74 -11.60 -4.82
CA PRO A 114 7.03 -11.38 -3.56
C PRO A 114 7.23 -12.56 -2.62
N ILE A 115 6.78 -12.36 -1.37
CA ILE A 115 7.14 -13.27 -0.29
C ILE A 115 6.48 -14.63 -0.46
N TRP A 116 5.30 -14.71 -1.07
CA TRP A 116 4.65 -16.00 -1.26
C TRP A 116 5.54 -16.94 -2.06
N ILE A 117 6.07 -16.44 -3.18
CA ILE A 117 6.86 -17.27 -4.08
C ILE A 117 8.16 -17.69 -3.40
N THR A 118 8.83 -16.75 -2.75
CA THR A 118 10.05 -17.07 -2.02
C THR A 118 9.79 -18.16 -0.98
N ALA A 119 8.68 -18.05 -0.24
CA ALA A 119 8.39 -19.03 0.81
C ALA A 119 8.07 -20.39 0.21
N GLN A 120 7.39 -20.43 -0.94
CA GLN A 120 6.98 -21.69 -1.51
C GLN A 120 8.16 -22.45 -2.12
N ARG A 121 9.17 -21.73 -2.61
CA ARG A 121 10.40 -22.39 -3.08
C ARG A 121 11.17 -23.04 -1.94
N GLN A 122 10.88 -22.68 -0.70
CA GLN A 122 11.55 -23.24 0.47
C GLN A 122 10.61 -24.12 1.29
N GLY A 123 9.63 -24.73 0.62
CA GLY A 123 8.84 -25.78 1.23
C GLY A 123 7.63 -25.31 2.02
N LEU A 124 7.28 -24.03 1.95
CA LEU A 124 6.11 -23.51 2.64
C LEU A 124 4.93 -23.38 1.69
N ARG A 125 3.75 -23.21 2.26
CA ARG A 125 2.52 -23.02 1.51
C ARG A 125 1.93 -21.67 1.88
N ALA A 126 1.66 -20.85 0.87
CA ALA A 126 1.29 -19.45 1.07
C ALA A 126 0.01 -19.12 0.33
N GLY A 127 -0.73 -18.16 0.87
CA GLY A 127 -1.99 -17.76 0.27
C GLY A 127 -2.16 -16.25 0.25
N SER A 128 -2.97 -15.79 -0.70
CA SER A 128 -3.29 -14.37 -0.84
C SER A 128 -4.80 -14.24 -0.90
N PHE A 129 -5.37 -13.44 0.00
CA PHE A 129 -6.81 -13.17 0.00
C PHE A 129 -7.00 -11.69 -0.30
N PHE A 130 -7.34 -11.39 -1.55
CA PHE A 130 -7.59 -10.03 -2.04
C PHE A 130 -6.35 -9.14 -1.97
N TYR A 131 -5.16 -9.71 -1.75
CA TYR A 131 -3.98 -8.88 -1.59
C TYR A 131 -3.43 -8.47 -2.96
N PRO A 132 -3.05 -7.21 -3.15
CA PRO A 132 -2.55 -6.80 -4.47
C PRO A 132 -1.32 -7.59 -4.88
N GLY A 133 -1.35 -8.10 -6.11
CA GLY A 133 -0.26 -8.88 -6.64
C GLY A 133 -0.33 -10.36 -6.35
N GLY A 134 -1.31 -10.80 -5.56
CA GLY A 134 -1.41 -12.19 -5.16
C GLY A 134 -2.22 -13.07 -6.07
N ASN A 135 -2.82 -12.52 -7.15
CA ASN A 135 -3.62 -13.32 -8.07
C ASN A 135 -2.99 -13.42 -9.44
N VAL A 136 -1.65 -13.39 -9.51
CA VAL A 136 -0.92 -13.63 -10.73
C VAL A 136 0.24 -14.57 -10.41
N THR A 137 0.87 -15.06 -11.46
CA THR A 137 2.03 -15.94 -11.32
C THR A 137 3.32 -15.14 -11.45
N TYR A 138 4.36 -15.61 -10.79
CA TYR A 138 5.67 -14.97 -10.81
C TYR A 138 6.69 -15.98 -11.31
N GLN A 139 7.32 -15.68 -12.44
CA GLN A 139 8.25 -16.61 -13.08
CA GLN A 139 8.25 -16.60 -13.09
C GLN A 139 7.63 -17.99 -13.21
N GLY A 140 6.31 -18.01 -13.46
CA GLY A 140 5.60 -19.25 -13.69
C GLY A 140 4.99 -19.92 -12.47
N VAL A 141 5.31 -19.45 -11.27
CA VAL A 141 4.79 -20.05 -10.05
C VAL A 141 3.52 -19.31 -9.64
N ALA A 142 2.56 -20.05 -9.09
CA ALA A 142 1.33 -19.48 -8.59
C ALA A 142 1.26 -19.62 -7.07
N VAL A 143 0.54 -18.70 -6.44
CA VAL A 143 0.35 -18.79 -5.00
C VAL A 143 -0.52 -20.00 -4.68
N THR A 144 -0.14 -20.74 -3.64
CA THR A 144 -0.83 -21.99 -3.31
C THR A 144 -2.35 -21.79 -3.29
N ARG A 145 -2.81 -20.77 -2.56
CA ARG A 145 -4.21 -20.41 -2.51
C ARG A 145 -4.35 -18.92 -2.82
N SER A 146 -5.35 -18.56 -3.61
CA SER A 146 -5.52 -17.18 -4.00
C SER A 146 -6.99 -16.87 -4.29
N ARG A 147 -7.43 -15.71 -3.80
CA ARG A 147 -8.77 -15.21 -4.06
C ARG A 147 -8.66 -13.76 -4.51
N LYS A 148 -9.41 -13.40 -5.54
CA LYS A 148 -9.47 -12.04 -6.02
C LYS A 148 -10.93 -11.59 -6.07
N GLU A 149 -11.18 -10.35 -5.68
CA GLU A 149 -12.54 -9.87 -5.59
C GLU A 149 -13.08 -9.49 -6.96
N GLY A 150 -14.38 -9.21 -7.02
CA GLY A 150 -15.02 -8.87 -8.26
C GLY A 150 -14.82 -7.42 -8.66
N ILE A 151 -15.27 -7.10 -9.87
CA ILE A 151 -15.04 -5.78 -10.43
C ILE A 151 -15.81 -4.71 -9.65
N ALA A 152 -17.04 -5.02 -9.24
CA ALA A 152 -17.87 -4.09 -8.49
C ALA A 152 -17.92 -4.43 -7.01
N HIS A 153 -16.84 -4.99 -6.47
CA HIS A 153 -16.85 -5.56 -5.14
C HIS A 153 -17.26 -4.51 -4.10
N ASN A 154 -17.94 -5.00 -3.06
CA ASN A 154 -18.32 -4.19 -1.91
C ASN A 154 -17.32 -4.44 -0.80
N TYR A 155 -16.62 -3.39 -0.38
CA TYR A 155 -15.49 -3.53 0.55
C TYR A 155 -15.86 -3.30 2.00
N LYS A 156 -17.10 -2.90 2.30
CA LYS A 156 -17.47 -2.53 3.67
C LYS A 156 -18.51 -3.48 4.27
N ASN A 157 -18.72 -4.65 3.68
CA ASN A 157 -19.69 -5.61 4.17
C ASN A 157 -19.06 -6.44 5.28
N GLU A 158 -19.46 -6.16 6.53
CA GLU A 158 -18.81 -6.81 7.67
C GLU A 158 -19.06 -8.31 7.67
N THR A 159 -20.26 -8.74 7.27
CA THR A 159 -20.56 -10.16 7.20
C THR A 159 -19.61 -10.85 6.22
N GLU A 160 -19.25 -10.17 5.13
CA GLU A 160 -18.28 -10.71 4.19
C GLU A 160 -16.89 -10.75 4.80
N TRP A 161 -16.52 -9.72 5.57
CA TRP A 161 -15.23 -9.71 6.25
C TRP A 161 -15.07 -10.95 7.13
N ARG A 162 -16.07 -11.23 7.97
CA ARG A 162 -15.98 -12.37 8.87
C ARG A 162 -15.89 -13.68 8.11
N ALA A 163 -16.59 -13.79 6.97
CA ALA A 163 -16.50 -14.99 6.16
C ALA A 163 -15.11 -15.18 5.59
N ASN A 164 -14.53 -14.11 5.05
CA ASN A 164 -13.18 -14.19 4.51
C ASN A 164 -12.18 -14.61 5.57
N ILE A 165 -12.35 -14.12 6.80
CA ILE A 165 -11.48 -14.55 7.89
C ILE A 165 -11.68 -16.02 8.18
N ASP A 166 -12.93 -16.49 8.17
CA ASP A 166 -13.19 -17.91 8.35
C ASP A 166 -12.47 -18.73 7.29
N THR A 167 -12.58 -18.31 6.02
CA THR A 167 -11.86 -19.00 4.95
C THR A 167 -10.36 -19.03 5.23
N VAL A 168 -9.77 -17.87 5.54
CA VAL A 168 -8.34 -17.80 5.80
C VAL A 168 -7.95 -18.74 6.94
N MET A 169 -8.80 -18.83 7.96
CA MET A 169 -8.51 -19.76 9.05
C MET A 169 -8.51 -21.20 8.57
N ALA A 170 -9.44 -21.54 7.68
CA ALA A 170 -9.46 -22.90 7.12
C ALA A 170 -8.20 -23.18 6.32
N TRP A 171 -7.72 -22.18 5.56
CA TRP A 171 -6.46 -22.34 4.84
C TRP A 171 -5.33 -22.70 5.80
N PHE A 172 -5.29 -22.07 6.97
CA PHE A 172 -4.23 -22.35 7.92
C PHE A 172 -4.35 -23.77 8.48
N THR A 173 -5.56 -24.17 8.87
CA THR A 173 -5.75 -25.45 9.55
C THR A 173 -5.99 -26.61 8.59
N GLU A 174 -6.90 -26.42 7.62
CA GLU A 174 -7.32 -27.53 6.77
C GLU A 174 -6.41 -27.74 5.56
N GLU A 175 -5.78 -26.69 5.05
CA GLU A 175 -4.93 -26.80 3.86
C GLU A 175 -3.44 -26.64 4.19
N ASP A 176 -3.07 -26.72 5.46
CA ASP A 176 -1.67 -26.64 5.89
C ASP A 176 -0.94 -25.52 5.16
N LEU A 177 -1.48 -24.31 5.28
CA LEU A 177 -0.81 -23.12 4.80
C LEU A 177 -0.04 -22.50 5.97
N ASP A 178 1.15 -21.96 5.66
CA ASP A 178 2.00 -21.34 6.67
C ASP A 178 1.92 -19.82 6.66
N LEU A 179 1.61 -19.21 5.51
CA LEU A 179 1.57 -17.76 5.37
C LEU A 179 0.33 -17.36 4.58
N VAL A 180 -0.38 -16.35 5.07
CA VAL A 180 -1.49 -15.76 4.34
C VAL A 180 -1.40 -14.25 4.45
N THR A 181 -1.65 -13.56 3.34
CA THR A 181 -1.79 -12.11 3.33
C THR A 181 -3.23 -11.77 3.00
N LEU A 182 -3.92 -11.13 3.94
CA LEU A 182 -5.34 -10.81 3.84
C LEU A 182 -5.51 -9.31 3.70
N TYR A 183 -6.28 -8.88 2.71
CA TYR A 183 -6.44 -7.48 2.39
C TYR A 183 -7.89 -7.05 2.61
N PHE A 184 -8.07 -5.87 3.21
CA PHE A 184 -9.37 -5.23 3.32
C PHE A 184 -9.31 -3.86 2.67
N GLY A 185 -10.36 -3.52 1.92
CA GLY A 185 -10.43 -2.26 1.21
C GLY A 185 -10.90 -1.07 2.01
N GLU A 186 -11.07 -1.24 3.32
CA GLU A 186 -11.46 -0.15 4.20
C GLU A 186 -10.37 0.07 5.26
N PRO A 187 -10.26 1.30 5.79
CA PRO A 187 -11.14 2.45 5.57
C PRO A 187 -10.74 3.37 4.42
N ASP A 188 -9.94 2.88 3.47
CA ASP A 188 -9.57 3.71 2.32
C ASP A 188 -10.81 4.15 1.55
N SER A 189 -11.73 3.22 1.31
CA SER A 189 -12.92 3.55 0.52
C SER A 189 -13.75 4.61 1.22
N THR A 190 -14.05 4.40 2.50
CA THR A 190 -14.86 5.38 3.24
C THR A 190 -14.10 6.69 3.42
N GLY A 191 -12.79 6.62 3.65
CA GLY A 191 -12.00 7.83 3.73
C GLY A 191 -12.06 8.66 2.46
N HIS A 192 -11.95 7.99 1.30
CA HIS A 192 -12.02 8.70 0.03
C HIS A 192 -13.36 9.42 -0.11
N ARG A 193 -14.46 8.75 0.22
CA ARG A 193 -15.77 9.26 -0.13
C ARG A 193 -16.20 10.40 0.79
N TYR A 194 -16.09 10.20 2.09
CA TYR A 194 -16.56 11.16 3.08
C TYR A 194 -15.43 11.99 3.69
N GLY A 195 -14.17 11.58 3.51
CA GLY A 195 -13.05 12.27 4.09
C GLY A 195 -12.53 11.56 5.33
N PRO A 196 -11.26 11.78 5.66
CA PRO A 196 -10.69 11.08 6.83
C PRO A 196 -11.21 11.59 8.17
N GLU A 197 -11.73 12.82 8.23
CA GLU A 197 -12.18 13.40 9.50
C GLU A 197 -13.68 13.27 9.71
N SER A 198 -14.37 12.54 8.82
CA SER A 198 -15.82 12.47 8.86
C SER A 198 -16.29 11.45 9.90
N PRO A 199 -17.56 11.54 10.31
CA PRO A 199 -18.10 10.48 11.18
C PRO A 199 -18.22 9.13 10.51
N GLU A 200 -18.36 9.09 9.18
CA GLU A 200 -18.41 7.81 8.48
C GLU A 200 -17.10 7.05 8.65
N ARG A 201 -15.96 7.74 8.49
CA ARG A 201 -14.67 7.09 8.67
C ARG A 201 -14.57 6.46 10.06
N ARG A 202 -14.98 7.19 11.09
CA ARG A 202 -14.87 6.68 12.45
C ARG A 202 -15.74 5.44 12.65
N GLU A 203 -16.96 5.45 12.10
CA GLU A 203 -17.78 4.25 12.15
C GLU A 203 -17.11 3.09 11.43
N MET A 204 -16.34 3.38 10.37
CA MET A 204 -15.66 2.32 9.66
C MET A 204 -14.45 1.81 10.45
N VAL A 205 -13.76 2.71 11.16
CA VAL A 205 -12.67 2.29 12.03
C VAL A 205 -13.21 1.44 13.16
N ARG A 206 -14.40 1.79 13.69
CA ARG A 206 -15.02 0.94 14.70
C ARG A 206 -15.29 -0.45 14.14
N GLN A 207 -15.75 -0.53 12.89
CA GLN A 207 -15.96 -1.83 12.27
C GLN A 207 -14.65 -2.60 12.14
N VAL A 208 -13.59 -1.91 11.72
CA VAL A 208 -12.28 -2.55 11.65
C VAL A 208 -11.90 -3.12 13.01
N ASP A 209 -12.08 -2.32 14.07
CA ASP A 209 -11.66 -2.76 15.39
C ASP A 209 -12.43 -4.00 15.83
N ARG A 210 -13.73 -4.06 15.53
CA ARG A 210 -14.48 -5.29 15.80
C ARG A 210 -13.90 -6.46 15.04
N THR A 211 -13.40 -6.22 13.83
CA THR A 211 -12.82 -7.29 13.03
C THR A 211 -11.47 -7.74 13.59
N VAL A 212 -10.70 -6.84 14.19
CA VAL A 212 -9.49 -7.25 14.88
C VAL A 212 -9.83 -8.25 15.98
N GLY A 213 -10.86 -7.95 16.77
CA GLY A 213 -11.25 -8.86 17.83
C GLY A 213 -11.74 -10.19 17.29
N TYR A 214 -12.57 -10.17 16.25
CA TYR A 214 -13.02 -11.40 15.62
C TYR A 214 -11.83 -12.20 15.10
N LEU A 215 -10.83 -11.50 14.58
CA LEU A 215 -9.63 -12.14 14.07
C LEU A 215 -8.90 -12.88 15.18
N ARG A 216 -8.63 -12.19 16.28
CA ARG A 216 -7.93 -12.80 17.41
C ARG A 216 -8.76 -13.92 18.03
N GLU A 217 -10.07 -13.73 18.12
CA GLU A 217 -10.94 -14.79 18.62
C GLU A 217 -10.93 -15.98 17.68
N SER A 218 -10.93 -15.73 16.37
CA SER A 218 -10.85 -16.81 15.40
C SER A 218 -9.52 -17.55 15.50
N ILE A 219 -8.44 -16.85 15.83
CA ILE A 219 -7.14 -17.50 16.00
C ILE A 219 -7.17 -18.41 17.22
N ALA A 220 -7.78 -17.95 18.32
CA ALA A 220 -7.84 -18.77 19.53
C ALA A 220 -8.76 -19.96 19.33
N ARG A 221 -9.91 -19.75 18.69
CA ARG A 221 -10.84 -20.85 18.44
C ARG A 221 -10.20 -21.97 17.64
N ASN A 222 -9.29 -21.65 16.72
CA ASN A 222 -8.60 -22.66 15.92
C ASN A 222 -7.31 -23.15 16.57
N HIS A 223 -7.06 -22.77 17.83
CA HIS A 223 -5.91 -23.28 18.59
C HIS A 223 -4.59 -22.82 18.00
N LEU A 224 -4.56 -21.62 17.42
CA LEU A 224 -3.35 -21.08 16.81
C LEU A 224 -2.76 -19.90 17.57
N THR A 225 -3.30 -19.59 18.75
CA THR A 225 -2.85 -18.42 19.49
C THR A 225 -1.36 -18.49 19.77
N ASP A 226 -0.85 -19.68 20.07
CA ASP A 226 0.56 -19.86 20.40
C ASP A 226 1.38 -20.37 19.23
N ARG A 227 0.78 -20.56 18.06
CA ARG A 227 1.49 -21.04 16.90
C ARG A 227 1.40 -20.10 15.70
N LEU A 228 0.70 -18.97 15.82
CA LEU A 228 0.48 -18.06 14.71
C LEU A 228 0.82 -16.63 15.10
N ASN A 229 1.69 -15.99 14.31
CA ASN A 229 2.00 -14.58 14.48
C ASN A 229 1.10 -13.75 13.59
N LEU A 230 0.60 -12.65 14.14
CA LEU A 230 -0.37 -11.79 13.46
C LEU A 230 0.21 -10.39 13.31
N ILE A 231 0.20 -9.87 12.09
CA ILE A 231 0.58 -8.50 11.80
C ILE A 231 -0.63 -7.77 11.23
N ILE A 232 -0.94 -6.62 11.81
CA ILE A 232 -1.99 -5.75 11.29
C ILE A 232 -1.35 -4.42 10.92
N THR A 233 -1.40 -4.08 9.64
CA THR A 233 -0.75 -2.88 9.13
C THR A 233 -1.62 -2.31 8.02
N SER A 234 -1.06 -1.39 7.26
CA SER A 234 -1.77 -0.78 6.14
C SER A 234 -0.74 -0.19 5.19
N ASP A 235 -1.21 0.42 4.12
CA ASP A 235 -0.34 0.91 3.07
C ASP A 235 -0.05 2.41 3.16
N HIS A 236 -0.97 3.20 3.69
CA HIS A 236 -0.83 4.66 3.69
C HIS A 236 -1.93 5.26 4.55
N GLY A 237 -1.86 6.57 4.73
CA GLY A 237 -2.88 7.32 5.44
C GLY A 237 -3.86 7.99 4.51
N MET A 238 -4.39 9.12 4.95
CA MET A 238 -5.43 9.82 4.22
C MET A 238 -5.51 11.25 4.72
N THR A 239 -5.69 12.19 3.80
CA THR A 239 -5.83 13.60 4.15
C THR A 239 -7.02 14.20 3.39
N THR A 240 -7.56 15.26 3.97
CA THR A 240 -8.73 15.91 3.37
C THR A 240 -8.33 16.71 2.14
N VAL A 241 -9.21 16.70 1.14
CA VAL A 241 -9.08 17.57 -0.02
C VAL A 241 -10.10 18.69 0.15
N ASP A 242 -9.62 19.91 0.34
CA ASP A 242 -10.51 21.05 0.56
C ASP A 242 -10.98 21.58 -0.79
N LYS A 243 -12.30 21.57 -0.98
CA LYS A 243 -12.90 22.13 -2.19
C LYS A 243 -13.07 23.63 -2.09
N ARG A 244 -13.15 24.16 -0.86
CA ARG A 244 -13.24 25.60 -0.67
C ARG A 244 -11.99 26.31 -1.17
N ALA A 245 -10.85 25.62 -1.20
CA ALA A 245 -9.62 26.20 -1.71
C ALA A 245 -9.79 26.62 -3.17
N GLY A 246 -9.17 27.74 -3.52
CA GLY A 246 -9.37 28.33 -4.84
C GLY A 246 -8.23 28.11 -5.81
N ASP A 247 -7.02 27.96 -5.29
CA ASP A 247 -5.82 27.88 -6.13
C ASP A 247 -5.57 26.43 -6.57
N LEU A 248 -6.56 25.85 -7.24
CA LEU A 248 -6.47 24.47 -7.68
C LEU A 248 -5.38 24.30 -8.74
N VAL A 249 -4.81 23.10 -8.78
CA VAL A 249 -3.81 22.75 -9.79
C VAL A 249 -4.59 22.27 -11.02
N GLU A 250 -4.74 23.15 -12.00
CA GLU A 250 -5.49 22.85 -13.22
C GLU A 250 -4.56 23.04 -14.41
N PHE A 251 -4.27 21.93 -15.11
CA PHE A 251 -3.42 22.01 -16.30
C PHE A 251 -4.07 22.83 -17.39
N HIS A 252 -5.40 22.75 -17.53
CA HIS A 252 -6.10 23.50 -18.57
C HIS A 252 -6.06 25.00 -18.36
N LYS A 253 -5.48 25.48 -17.26
CA LYS A 253 -5.32 26.91 -17.01
C LYS A 253 -3.85 27.33 -16.97
N PHE A 254 -2.95 26.49 -17.48
CA PHE A 254 -1.54 26.84 -17.60
C PHE A 254 -1.35 27.55 -18.94
N PRO A 255 -1.06 28.86 -18.96
CA PRO A 255 -1.11 29.59 -20.24
C PRO A 255 -0.16 29.05 -21.31
N ASN A 256 1.12 28.87 -20.98
CA ASN A 256 2.12 28.51 -21.97
C ASN A 256 2.28 26.99 -22.11
N PHE A 257 1.28 26.21 -21.71
CA PHE A 257 1.30 24.77 -21.84
C PHE A 257 0.17 24.31 -22.73
N THR A 258 0.43 23.29 -23.54
CA THR A 258 -0.58 22.71 -24.42
C THR A 258 -0.47 21.19 -24.36
N PHE A 259 -1.63 20.53 -24.32
CA PHE A 259 -1.63 19.08 -24.45
C PHE A 259 -1.29 18.62 -25.86
N ARG A 260 -1.05 19.56 -26.78
CA ARG A 260 -0.52 19.21 -28.09
C ARG A 260 0.91 18.71 -28.04
N ASP A 261 1.61 18.92 -26.93
CA ASP A 261 3.00 18.51 -26.79
C ASP A 261 3.15 17.15 -26.10
N ILE A 262 2.04 16.49 -25.77
CA ILE A 262 2.06 15.28 -24.97
C ILE A 262 1.73 14.08 -25.84
N GLU A 263 2.62 13.08 -25.82
CA GLU A 263 2.33 11.81 -26.45
C GLU A 263 1.50 10.92 -25.52
N PHE A 264 1.91 10.85 -24.24
CA PHE A 264 1.25 10.04 -23.24
C PHE A 264 1.16 10.84 -21.95
N GLU A 265 0.10 10.57 -21.17
CA GLU A 265 -0.14 11.32 -19.94
C GLU A 265 -0.76 10.40 -18.91
N LEU A 266 -0.49 10.69 -17.64
CA LEU A 266 -1.16 10.03 -16.52
C LEU A 266 -1.46 11.11 -15.48
N LEU A 267 -2.66 11.68 -15.59
CA LEU A 267 -3.09 12.74 -14.69
C LEU A 267 -4.47 12.41 -14.14
N ASP A 268 -5.09 13.37 -13.45
CA ASP A 268 -6.42 13.19 -12.90
C ASP A 268 -6.47 12.03 -11.91
N TYR A 269 -5.35 11.74 -11.24
CA TYR A 269 -5.23 10.61 -10.32
C TYR A 269 -4.53 11.07 -9.04
N GLY A 270 -5.25 11.80 -8.21
CA GLY A 270 -4.69 12.29 -6.99
C GLY A 270 -3.56 13.26 -7.26
N PRO A 271 -2.54 13.28 -6.38
CA PRO A 271 -1.50 14.32 -6.47
C PRO A 271 -0.24 13.88 -7.20
N ASN A 272 -0.32 12.84 -8.01
CA ASN A 272 0.84 12.36 -8.77
C ASN A 272 0.51 12.34 -10.25
N GLY A 273 1.43 12.86 -11.06
CA GLY A 273 1.27 12.84 -12.50
C GLY A 273 2.55 12.39 -13.19
N MET A 274 2.37 11.91 -14.42
CA MET A 274 3.47 11.54 -15.29
C MET A 274 3.19 12.09 -16.68
N LEU A 275 4.26 12.27 -17.46
CA LEU A 275 4.10 12.82 -18.81
C LEU A 275 5.22 12.34 -19.71
N LEU A 276 4.86 12.04 -20.96
CA LEU A 276 5.81 11.69 -22.02
C LEU A 276 5.55 12.61 -23.19
N PRO A 277 6.28 13.72 -23.32
CA PRO A 277 6.04 14.62 -24.45
C PRO A 277 6.42 14.00 -25.78
N LYS A 278 5.79 14.49 -26.84
CA LYS A 278 6.20 14.12 -28.19
C LYS A 278 7.69 14.40 -28.38
N GLU A 279 8.30 13.70 -29.33
CA GLU A 279 9.74 13.81 -29.54
C GLU A 279 10.15 15.25 -29.78
N GLY A 280 11.11 15.71 -28.98
CA GLY A 280 11.71 17.02 -29.18
C GLY A 280 11.05 18.16 -28.42
N ARG A 281 9.89 17.94 -27.81
CA ARG A 281 9.16 18.98 -27.10
C ARG A 281 9.34 18.89 -25.59
N LEU A 282 10.15 17.95 -25.11
CA LEU A 282 10.33 17.77 -23.67
C LEU A 282 10.81 19.04 -23.00
N GLU A 283 11.79 19.71 -23.59
CA GLU A 283 12.31 20.93 -22.99
C GLU A 283 11.25 22.03 -22.98
N LYS A 284 10.43 22.09 -24.03
CA LYS A 284 9.36 23.08 -24.07
C LYS A 284 8.36 22.86 -22.95
N VAL A 285 7.90 21.61 -22.80
CA VAL A 285 6.91 21.29 -21.78
C VAL A 285 7.46 21.59 -20.40
N TYR A 286 8.70 21.19 -20.16
CA TYR A 286 9.28 21.32 -18.82
C TYR A 286 9.34 22.78 -18.39
N ASP A 287 9.89 23.66 -19.24
CA ASP A 287 10.00 25.07 -18.88
C ASP A 287 8.63 25.69 -18.65
N ALA A 288 7.60 25.17 -19.34
CA ALA A 288 6.24 25.68 -19.13
C ALA A 288 5.72 25.30 -17.76
N LEU A 289 6.01 24.09 -17.29
CA LEU A 289 5.37 23.55 -16.10
C LEU A 289 6.20 23.70 -14.83
N LYS A 290 7.51 23.93 -14.93
CA LYS A 290 8.35 23.95 -13.72
C LYS A 290 7.89 25.04 -12.76
N ASP A 291 7.31 26.13 -13.26
CA ASP A 291 6.85 27.23 -12.41
C ASP A 291 5.35 27.47 -12.51
N ALA A 292 4.60 26.56 -13.15
CA ALA A 292 3.20 26.82 -13.44
C ALA A 292 2.40 27.09 -12.18
N HIS A 293 2.61 26.28 -11.14
CA HIS A 293 1.82 26.37 -9.92
C HIS A 293 2.77 26.24 -8.73
N PRO A 294 2.64 27.10 -7.71
CA PRO A 294 3.53 26.99 -6.55
C PRO A 294 3.34 25.71 -5.74
N LYS A 295 2.26 24.97 -5.99
CA LYS A 295 1.94 23.76 -5.26
C LYS A 295 2.04 22.51 -6.11
N LEU A 296 2.61 22.61 -7.30
CA LEU A 296 2.88 21.47 -8.17
C LEU A 296 4.38 21.42 -8.43
N HIS A 297 5.01 20.32 -8.05
CA HIS A 297 6.45 20.17 -8.17
C HIS A 297 6.75 19.21 -9.32
N VAL A 298 7.26 19.75 -10.42
CA VAL A 298 7.53 18.99 -11.64
C VAL A 298 9.03 18.78 -11.76
N TYR A 299 9.42 17.59 -12.19
CA TYR A 299 10.82 17.20 -12.27
C TYR A 299 11.09 16.47 -13.57
N LYS A 300 12.31 16.63 -14.07
CA LYS A 300 12.85 15.66 -14.99
C LYS A 300 13.15 14.37 -14.23
N LYS A 301 12.98 13.24 -14.91
CA LYS A 301 13.15 11.95 -14.25
C LYS A 301 14.45 11.88 -13.46
N GLU A 302 15.53 12.43 -14.03
CA GLU A 302 16.84 12.33 -13.39
C GLU A 302 16.93 13.19 -12.14
N ALA A 303 16.21 14.32 -12.11
CA ALA A 303 16.31 15.27 -11.02
C ALA A 303 15.30 15.04 -9.91
N PHE A 304 14.41 14.05 -10.05
CA PHE A 304 13.43 13.81 -9.00
C PHE A 304 14.13 13.43 -7.71
N PRO A 305 13.67 13.91 -6.56
CA PRO A 305 14.42 13.67 -5.30
C PRO A 305 14.71 12.20 -5.05
N GLU A 306 15.98 11.91 -4.75
CA GLU A 306 16.39 10.53 -4.49
C GLU A 306 15.73 9.98 -3.23
N ALA A 307 15.44 10.85 -2.26
CA ALA A 307 14.91 10.38 -0.98
C ALA A 307 13.60 9.63 -1.16
N PHE A 308 12.85 9.92 -2.22
CA PHE A 308 11.57 9.25 -2.45
C PHE A 308 11.73 7.81 -2.89
N HIS A 309 12.88 7.44 -3.45
CA HIS A 309 13.12 6.08 -3.91
C HIS A 309 12.03 5.64 -4.89
N TYR A 310 11.72 6.51 -5.83
CA TYR A 310 10.61 6.25 -6.74
C TYR A 310 10.98 6.39 -8.21
N ALA A 311 11.76 7.42 -8.57
CA ALA A 311 11.84 7.82 -9.97
C ALA A 311 12.67 6.85 -10.81
N ASN A 312 13.73 6.28 -10.23
CA ASN A 312 14.69 5.53 -11.03
C ASN A 312 14.16 4.13 -11.33
N ASN A 313 13.18 4.08 -12.25
CA ASN A 313 12.70 2.84 -12.83
C ASN A 313 12.44 3.11 -14.31
N PRO A 314 12.71 2.13 -15.18
CA PRO A 314 12.47 2.38 -16.62
C PRO A 314 11.03 2.74 -16.93
N ARG A 315 10.09 2.30 -16.08
CA ARG A 315 8.67 2.53 -16.35
C ARG A 315 8.29 3.98 -16.16
N VAL A 316 8.98 4.71 -15.27
CA VAL A 316 8.66 6.11 -15.04
C VAL A 316 8.97 6.91 -16.30
N THR A 317 8.19 7.96 -16.52
CA THR A 317 8.31 8.79 -17.71
C THR A 317 9.37 9.87 -17.50
N PRO A 318 9.82 10.50 -18.59
CA PRO A 318 10.83 11.56 -18.44
C PRO A 318 10.39 12.72 -17.56
N LEU A 319 9.10 12.98 -17.48
CA LEU A 319 8.57 14.03 -16.62
C LEU A 319 7.62 13.39 -15.61
N LEU A 320 7.77 13.77 -14.34
CA LEU A 320 6.81 13.37 -13.32
C LEU A 320 6.70 14.51 -12.32
N MET A 321 5.64 14.48 -11.53
CA MET A 321 5.33 15.59 -10.65
C MET A 321 4.50 15.10 -9.47
N TYR A 322 4.44 15.92 -8.44
CA TYR A 322 3.54 15.68 -7.32
C TYR A 322 3.11 17.02 -6.76
N SER A 323 1.92 17.05 -6.18
CA SER A 323 1.34 18.27 -5.65
C SER A 323 1.33 18.24 -4.12
N ASP A 324 1.14 19.42 -3.53
CA ASP A 324 1.20 19.57 -2.10
C ASP A 324 -0.01 18.93 -1.42
N LEU A 325 0.11 18.73 -0.12
CA LEU A 325 -0.92 18.05 0.65
C LEU A 325 -2.24 18.78 0.57
N GLY A 326 -3.30 18.04 0.29
CA GLY A 326 -4.63 18.60 0.12
C GLY A 326 -4.98 19.01 -1.29
N TYR A 327 -4.04 18.87 -2.24
CA TYR A 327 -4.24 19.30 -3.63
C TYR A 327 -4.04 18.11 -4.56
N VAL A 328 -4.98 17.95 -5.49
CA VAL A 328 -4.88 16.94 -6.53
C VAL A 328 -4.56 17.64 -7.84
N ILE A 329 -4.12 16.84 -8.81
CA ILE A 329 -3.69 17.36 -10.11
C ILE A 329 -4.82 17.17 -11.11
N HIS A 330 -5.28 18.27 -11.69
CA HIS A 330 -6.35 18.27 -12.68
C HIS A 330 -5.75 18.45 -14.07
N GLY A 331 -6.07 17.53 -14.98
CA GLY A 331 -5.53 17.57 -16.32
C GLY A 331 -6.34 18.44 -17.26
N ARG A 332 -6.84 17.83 -18.34
CA ARG A 332 -7.61 18.58 -19.33
C ARG A 332 -8.90 19.13 -18.73
N ILE A 333 -9.45 18.45 -17.72
CA ILE A 333 -10.74 18.83 -17.15
C ILE A 333 -10.86 18.16 -15.79
N ASN A 334 -11.53 18.84 -14.87
CA ASN A 334 -11.65 18.35 -13.51
C ASN A 334 -12.65 17.20 -13.45
N VAL A 335 -12.21 16.04 -12.94
CA VAL A 335 -13.06 14.86 -12.88
C VAL A 335 -12.89 14.15 -11.54
N GLN A 336 -12.33 14.86 -10.55
CA GLN A 336 -12.07 14.29 -9.23
C GLN A 336 -12.94 14.98 -8.20
N PHE A 337 -13.59 14.17 -7.35
CA PHE A 337 -14.51 14.71 -6.37
C PHE A 337 -14.40 14.03 -5.01
N ASN A 338 -13.33 13.29 -4.75
CA ASN A 338 -13.16 12.65 -3.45
C ASN A 338 -12.90 13.68 -2.37
N ASN A 339 -13.47 13.44 -1.19
CA ASN A 339 -13.21 14.30 -0.03
C ASN A 339 -11.88 13.98 0.65
N GLY A 340 -11.39 12.75 0.51
CA GLY A 340 -10.09 12.39 1.02
C GLY A 340 -9.25 11.77 -0.07
N GLU A 341 -7.95 11.96 0.03
CA GLU A 341 -7.01 11.40 -0.92
C GLU A 341 -5.72 11.00 -0.23
N HIS A 342 -4.92 10.20 -0.92
CA HIS A 342 -3.58 9.85 -0.53
C HIS A 342 -2.70 9.96 -1.77
N GLY A 343 -1.49 9.43 -1.69
CA GLY A 343 -0.51 9.61 -2.75
C GLY A 343 0.45 10.75 -2.52
N PHE A 344 0.34 11.46 -1.41
CA PHE A 344 1.16 12.62 -1.15
C PHE A 344 2.54 12.23 -0.61
N ASP A 345 3.36 13.24 -0.35
CA ASP A 345 4.68 13.05 0.22
C ASP A 345 4.62 12.14 1.44
N ASN A 346 5.45 11.09 1.44
CA ASN A 346 5.46 10.14 2.54
C ASN A 346 6.03 10.73 3.83
N LYS A 347 6.58 11.94 3.78
CA LYS A 347 7.00 12.63 4.99
C LYS A 347 5.84 13.33 5.69
N ASP A 348 4.72 13.54 4.99
CA ASP A 348 3.57 14.19 5.60
C ASP A 348 2.92 13.28 6.63
N MET A 349 2.61 13.84 7.80
CA MET A 349 2.05 13.03 8.88
C MET A 349 0.75 12.36 8.47
N ASP A 350 -0.08 13.05 7.70
CA ASP A 350 -1.37 12.49 7.30
C ASP A 350 -1.21 11.23 6.46
N MET A 351 -0.06 11.03 5.82
CA MET A 351 0.19 9.83 5.03
C MET A 351 0.75 8.69 5.86
N LYS A 352 1.19 8.93 7.09
CA LYS A 352 1.74 7.87 7.91
C LYS A 352 0.65 6.85 8.25
N THR A 353 1.08 5.61 8.46
CA THR A 353 0.15 4.51 8.69
C THR A 353 0.59 3.69 9.89
N ILE A 354 -0.04 2.53 10.10
CA ILE A 354 0.08 1.78 11.33
C ILE A 354 0.98 0.57 11.11
N PHE A 355 1.54 0.08 12.22
CA PHE A 355 2.13 -1.26 12.26
C PHE A 355 1.85 -1.85 13.63
N ARG A 356 1.08 -2.93 13.65
CA ARG A 356 0.72 -3.63 14.88
C ARG A 356 0.99 -5.11 14.66
N ALA A 357 1.41 -5.79 15.72
CA ALA A 357 1.73 -7.21 15.62
C ALA A 357 1.62 -7.85 17.00
N VAL A 358 1.24 -9.12 17.00
CA VAL A 358 1.08 -9.90 18.22
C VAL A 358 1.36 -11.36 17.89
N GLY A 359 1.95 -12.08 18.83
CA GLY A 359 2.17 -13.49 18.64
C GLY A 359 3.19 -14.09 19.59
N PRO A 360 3.46 -15.38 19.44
CA PRO A 360 4.47 -16.03 20.29
C PRO A 360 5.84 -15.41 20.14
N SER A 361 6.24 -15.04 18.92
CA SER A 361 7.55 -14.47 18.68
C SER A 361 7.63 -12.98 19.03
N PHE A 362 6.50 -12.33 19.31
CA PHE A 362 6.46 -10.89 19.52
C PHE A 362 6.41 -10.56 21.00
N ARG A 363 7.14 -9.51 21.38
CA ARG A 363 7.07 -8.98 22.73
C ARG A 363 5.68 -8.37 22.98
N ALA A 364 5.47 -7.93 24.22
CA ALA A 364 4.17 -7.41 24.62
C ALA A 364 4.35 -6.08 25.35
N GLY A 365 3.40 -5.16 25.14
CA GLY A 365 3.47 -3.84 25.73
C GLY A 365 4.58 -2.97 25.19
N LEU A 366 5.06 -3.25 23.98
CA LEU A 366 6.20 -2.55 23.40
C LEU A 366 5.75 -1.56 22.35
N GLU A 367 6.26 -0.34 22.43
CA GLU A 367 6.10 0.66 21.38
C GLU A 367 7.49 1.03 20.88
N VAL A 368 7.66 1.08 19.56
CA VAL A 368 8.95 1.37 18.94
C VAL A 368 8.84 2.66 18.16
N GLU A 369 9.97 3.33 17.97
CA GLU A 369 9.98 4.55 17.19
C GLU A 369 9.66 4.23 15.73
N PRO A 370 9.26 5.23 14.96
CA PRO A 370 8.78 4.97 13.59
C PRO A 370 9.86 4.33 12.71
N PHE A 371 9.40 3.67 11.65
CA PHE A 371 10.27 3.06 10.67
C PHE A 371 9.57 3.06 9.32
N GLU A 372 10.37 2.90 8.26
CA GLU A 372 9.82 2.79 6.91
C GLU A 372 9.28 1.38 6.67
N SER A 373 8.20 1.31 5.88
CA SER A 373 7.56 0.03 5.61
C SER A 373 8.48 -0.95 4.87
N VAL A 374 9.60 -0.47 4.32
CA VAL A 374 10.49 -1.34 3.57
C VAL A 374 11.12 -2.41 4.42
N HIS A 375 11.01 -2.31 5.75
CA HIS A 375 11.64 -3.24 6.67
C HIS A 375 10.70 -4.36 7.11
N VAL A 376 9.42 -4.32 6.72
CA VAL A 376 8.47 -5.35 7.12
C VAL A 376 8.84 -6.68 6.49
N TYR A 377 9.34 -6.65 5.25
CA TYR A 377 9.67 -7.89 4.55
C TYR A 377 10.68 -8.71 5.33
N GLU A 378 11.83 -8.13 5.65
CA GLU A 378 12.86 -8.85 6.38
C GLU A 378 12.30 -9.47 7.65
N LEU A 379 11.43 -8.75 8.35
CA LEU A 379 10.82 -9.31 9.55
C LEU A 379 10.02 -10.57 9.23
N MET A 380 9.08 -10.45 8.30
CA MET A 380 8.21 -11.60 7.99
C MET A 380 9.03 -12.82 7.58
N CYS A 381 10.15 -12.60 6.88
CA CYS A 381 11.00 -13.73 6.49
C CYS A 381 11.64 -14.39 7.71
N ARG A 382 12.17 -13.58 8.63
CA ARG A 382 12.69 -14.14 9.88
C ARG A 382 11.58 -14.89 10.62
N LEU A 383 10.35 -14.38 10.57
CA LEU A 383 9.24 -15.02 11.26
C LEU A 383 8.87 -16.36 10.62
N LEU A 384 9.09 -16.50 9.33
CA LEU A 384 8.80 -17.75 8.63
C LEU A 384 10.01 -18.67 8.55
N GLY A 385 11.17 -18.22 9.03
CA GLY A 385 12.37 -19.04 8.97
C GLY A 385 12.80 -19.35 7.55
N ILE A 386 12.79 -18.36 6.67
CA ILE A 386 13.14 -18.55 5.27
C ILE A 386 14.26 -17.60 4.91
N VAL A 387 14.88 -17.85 3.76
CA VAL A 387 15.96 -17.03 3.24
C VAL A 387 15.32 -15.88 2.46
N PRO A 388 15.52 -14.63 2.86
CA PRO A 388 14.94 -13.51 2.11
C PRO A 388 15.67 -13.26 0.80
N GLU A 389 14.90 -12.82 -0.19
CA GLU A 389 15.52 -12.25 -1.37
C GLU A 389 16.29 -11.00 -0.97
N ALA A 390 17.30 -10.66 -1.77
CA ALA A 390 17.97 -9.38 -1.56
C ALA A 390 16.93 -8.26 -1.67
N ASN A 391 16.92 -7.37 -0.68
CA ASN A 391 15.93 -6.31 -0.64
C ASN A 391 16.57 -5.06 -0.06
N ASP A 392 15.79 -3.97 -0.04
CA ASP A 392 16.27 -2.67 0.40
C ASP A 392 16.12 -2.47 1.91
N GLY A 393 15.49 -3.42 2.61
CA GLY A 393 15.33 -3.31 4.04
C GLY A 393 16.51 -3.90 4.81
N HIS A 394 16.44 -3.74 6.13
CA HIS A 394 17.44 -4.26 7.05
CA HIS A 394 17.44 -4.26 7.05
C HIS A 394 16.70 -4.86 8.24
N LEU A 395 17.02 -6.12 8.55
CA LEU A 395 16.29 -6.83 9.60
C LEU A 395 16.59 -6.29 10.99
N ALA A 396 17.74 -5.64 11.20
CA ALA A 396 18.06 -5.09 12.51
C ALA A 396 17.04 -4.04 12.93
N THR A 397 16.33 -3.44 11.97
CA THR A 397 15.40 -2.38 12.27
C THR A 397 14.26 -2.87 13.16
N LEU A 398 13.60 -3.95 12.74
CA LEU A 398 12.44 -4.46 13.47
C LEU A 398 12.77 -5.62 14.39
N LEU A 399 14.01 -6.12 14.39
CA LEU A 399 14.32 -7.27 15.21
C LEU A 399 14.06 -7.04 16.69
N PRO A 400 14.20 -5.82 17.25
CA PRO A 400 13.88 -5.62 18.67
C PRO A 400 12.45 -6.01 19.01
N MET A 401 11.60 -6.12 17.99
CA MET A 401 10.22 -6.52 18.22
C MET A 401 10.10 -7.96 18.70
N LEU A 402 11.08 -8.80 18.41
CA LEU A 402 10.96 -10.24 18.64
C LEU A 402 11.65 -10.64 19.94
N HIS A 403 11.15 -11.73 20.53
CA HIS A 403 11.76 -12.30 21.71
C HIS A 403 13.16 -12.83 21.39
N THR A 404 14.05 -12.74 22.37
CA THR A 404 15.35 -13.38 22.27
C THR A 404 15.19 -14.85 22.60
N GLU A 405 15.72 -15.71 21.73
CA GLU A 405 15.52 -17.15 21.88
C GLU A 405 16.44 -17.73 22.94
N SER A 406 16.12 -18.94 23.37
CA SER A 406 16.90 -19.67 24.37
C SER A 406 17.08 -21.14 23.97
C1 NAG B . 9.71 -4.82 -16.61
C2 NAG B . 10.52 -5.67 -17.58
C3 NAG B . 11.14 -4.79 -18.65
C4 NAG B . 10.09 -3.89 -19.28
C5 NAG B . 9.29 -3.14 -18.23
C6 NAG B . 8.16 -2.31 -18.77
C7 NAG B . 11.37 -7.63 -16.35
C8 NAG B . 12.55 -8.21 -15.64
N2 NAG B . 11.55 -6.41 -16.87
O3 NAG B . 11.74 -5.61 -19.65
O4 NAG B . 10.69 -2.91 -20.13
O5 NAG B . 8.72 -4.09 -17.31
O6 NAG B . 6.94 -3.04 -18.89
O7 NAG B . 10.31 -8.23 -16.45
H1 NAG B . 10.32 -4.18 -16.16
H2 NAG B . 9.92 -6.30 -18.01
H3 NAG B . 11.83 -4.23 -18.25
H4 NAG B . 9.48 -4.43 -19.83
H5 NAG B . 9.89 -2.56 -17.72
H61 NAG B . 8.41 -1.98 -19.67
H62 NAG B . 8.01 -1.54 -18.19
H81 NAG B . 13.30 -8.28 -16.25
H82 NAG B . 12.33 -9.11 -15.30
H83 NAG B . 12.80 -7.64 -14.88
HN2 NAG B . 12.36 -6.00 -16.74
HO3 NAG B . 11.12 -6.14 -20.01
HO6 NAG B . 7.12 -3.90 -18.79
C1 NAG B . 10.53 -3.27 -21.51
C2 NAG B . 10.96 -2.12 -22.36
C3 NAG B . 10.67 -2.45 -23.80
C4 NAG B . 11.50 -3.65 -24.21
C5 NAG B . 11.43 -4.83 -23.21
C6 NAG B . 12.68 -5.67 -23.27
C7 NAG B . 10.83 -0.14 -20.94
C8 NAG B . 10.12 1.16 -20.66
N2 NAG B . 10.36 -0.86 -21.95
O3 NAG B . 10.98 -1.33 -24.62
O4 NAG B . 11.08 -4.12 -25.49
O5 NAG B . 11.31 -4.42 -21.83
O6 NAG B . 12.39 -7.06 -23.13
O7 NAG B . 11.79 -0.50 -20.27
H1 NAG B . 9.59 -3.46 -21.69
H2 NAG B . 11.93 -2.04 -22.27
H3 NAG B . 9.72 -2.67 -23.89
H4 NAG B . 12.43 -3.37 -24.28
H5 NAG B . 10.66 -5.39 -23.44
H61 NAG B . 13.27 -5.40 -22.55
H62 NAG B . 13.12 -5.53 -24.13
H81 NAG B . 10.54 1.61 -19.90
H82 NAG B . 9.19 0.97 -20.45
H83 NAG B . 10.18 1.73 -21.45
HN2 NAG B . 9.65 -0.54 -22.44
HO3 NAG B . 10.96 -1.58 -25.47
HO4 NAG B . 11.07 -3.44 -26.06
HO6 NAG B . 11.78 -7.18 -22.50
C1 NAG C . -7.14 -15.85 -8.74
C2 NAG C . -6.41 -17.20 -8.86
C3 NAG C . -7.39 -18.31 -9.24
C4 NAG C . -8.65 -18.29 -8.40
C5 NAG C . -9.22 -16.86 -8.34
C6 NAG C . -10.40 -16.69 -7.42
C7 NAG C . -4.04 -17.14 -9.51
C8 NAG C . -3.08 -17.04 -10.67
N2 NAG C . -5.34 -17.11 -9.84
O3 NAG C . -6.74 -19.56 -9.10
O4 NAG C . -9.61 -19.13 -9.02
O5 NAG C . -8.21 -15.96 -7.86
O6 NAG C . -10.98 -15.40 -7.56
O7 NAG C . -3.65 -17.26 -8.35
H1 NAG C . -7.46 -15.59 -9.63
H2 NAG C . -6.02 -17.42 -7.99
H3 NAG C . -7.64 -18.20 -10.18
H4 NAG C . -8.46 -18.60 -7.50
H5 NAG C . -9.48 -16.59 -9.24
H61 NAG C . -10.10 -16.81 -6.49
H62 NAG C . -11.07 -17.38 -7.62
H81 NAG C . -3.23 -17.78 -11.28
H82 NAG C . -2.16 -17.08 -10.34
H83 NAG C . -3.23 -16.19 -11.14
HN2 NAG C . -5.56 -17.02 -10.72
HO3 NAG C . -7.35 -20.20 -8.96
HO6 NAG C . -11.62 -15.29 -6.95
C1 NAG C . -10.12 -20.24 -8.23
C2 NAG C . -11.41 -20.66 -8.92
C3 NAG C . -12.05 -21.80 -8.15
C4 NAG C . -11.08 -22.98 -8.11
C5 NAG C . -9.73 -22.56 -7.51
C6 NAG C . -8.69 -23.63 -7.67
C7 NAG C . -12.23 -18.69 -10.10
C8 NAG C . -13.28 -17.61 -10.16
N2 NAG C . -12.32 -19.55 -9.09
O3 NAG C . -13.27 -22.18 -8.77
O4 NAG C . -11.63 -24.06 -7.36
O5 NAG C . -9.22 -21.37 -8.16
O6 NAG C . -7.86 -23.36 -8.80
O7 NAG C . -11.34 -18.76 -10.94
H1 NAG C . -10.33 -19.93 -7.33
H2 NAG C . -11.17 -21.01 -9.81
H3 NAG C . -12.23 -21.50 -7.23
H4 NAG C . -10.93 -23.28 -9.03
H5 NAG C . -9.86 -22.37 -6.56
H61 NAG C . -9.13 -24.49 -7.79
H62 NAG C . -8.13 -23.66 -6.87
H81 NAG C . -14.16 -18.01 -10.24
H82 NAG C . -13.11 -17.03 -10.93
H83 NAG C . -13.24 -17.08 -9.34
HN2 NAG C . -13.01 -19.46 -8.50
HO3 NAG C . -13.72 -21.45 -9.00
HO6 NAG C . -7.37 -22.64 -8.64
C1 NAG D . -23.14 -8.77 2.75
C2 NAG D . -24.41 -8.73 1.92
C3 NAG D . -25.29 -9.93 2.24
C4 NAG D . -24.50 -11.24 2.17
C5 NAG D . -23.17 -11.15 2.91
C6 NAG D . -22.26 -12.30 2.57
C7 NAG D . -24.96 -6.39 1.43
C8 NAG D . -25.85 -5.22 1.80
N2 NAG D . -25.15 -7.51 2.13
O3 NAG D . -26.37 -9.98 1.32
O4 NAG D . -25.25 -12.30 2.75
O5 NAG D . -22.47 -9.97 2.52
O6 NAG D . -22.19 -12.42 1.16
O7 NAG D . -24.10 -6.30 0.55
H1 NAG D . -23.38 -8.71 3.70
H2 NAG D . -24.16 -8.79 0.97
H3 NAG D . -25.65 -9.84 3.15
H4 NAG D . -24.33 -11.45 1.23
H5 NAG D . -23.34 -11.13 3.88
H61 NAG D . -22.62 -13.12 2.96
H62 NAG D . -21.37 -12.13 2.93
H81 NAG D . -25.71 -4.99 2.73
H82 NAG D . -26.78 -5.47 1.65
H83 NAG D . -25.62 -4.46 1.23
HN2 NAG D . -25.81 -7.50 2.76
HO3 NAG D . -26.07 -10.26 0.53
C1 NAG D . -25.79 -13.13 1.71
C2 NAG D . -26.36 -14.33 2.37
C3 NAG D . -26.85 -15.30 1.30
C4 NAG D . -27.85 -14.61 0.38
C5 NAG D . -27.45 -13.19 -0.05
C6 NAG D . -28.64 -12.36 -0.48
C7 NAG D . -25.38 -14.75 4.58
C8 NAG D . -24.33 -15.47 5.35
N2 NAG D . -25.41 -14.97 3.26
O3 NAG D . -27.48 -16.42 1.93
O4 NAG D . -27.99 -15.40 -0.80
O5 NAG D . -26.82 -12.44 1.01
O6 NAG D . -28.34 -11.46 -1.53
O7 NAG D . -26.19 -14.00 5.11
H1 NAG D . -25.09 -13.39 1.08
H2 NAG D . -27.14 -14.06 2.90
H3 NAG D . -26.09 -15.61 0.79
H4 NAG D . -28.72 -14.56 0.83
H5 NAG D . -26.82 -13.25 -0.80
H61 NAG D . -28.95 -11.85 0.29
H62 NAG D . -29.35 -12.95 -0.76
H81 NAG D . -23.45 -15.22 5.03
H82 NAG D . -24.45 -16.44 5.25
H83 NAG D . -24.41 -15.25 6.31
HN2 NAG D . -24.80 -15.54 2.90
HO3 NAG D . -28.09 -16.75 1.38
HO4 NAG D . -28.84 -15.37 -1.08
HO6 NAG D . -28.99 -10.86 -1.61
C1 FUC D . -22.22 -13.82 0.78
C2 FUC D . -22.38 -13.93 -0.79
C3 FUC D . -21.07 -13.74 -1.60
C4 FUC D . -19.81 -14.26 -0.84
C5 FUC D . -19.86 -13.83 0.63
C6 FUC D . -18.68 -14.27 1.46
O2 FUC D . -23.39 -13.03 -1.27
O3 FUC D . -21.16 -14.44 -2.84
O4 FUC D . -19.73 -15.68 -0.93
O5 FUC D . -21.01 -14.38 1.24
H1 FUC D . -23.02 -14.34 1.31
H2 FUC D . -22.75 -14.94 -1.01
H3 FUC D . -20.93 -12.66 -1.79
H4 FUC D . -18.91 -13.81 -1.29
H5 FUC D . -19.95 -12.74 0.63
H61 FUC D . -18.81 -13.93 2.49
H62 FUC D . -17.76 -13.85 1.05
H63 FUC D . -18.59 -15.36 1.46
HO2 FUC D . -23.31 -13.04 -2.23
HO3 FUC D . -20.26 -14.71 -3.06
HO4 FUC D . -20.21 -16.01 -0.15
ZN ZN E . -4.34 2.03 -0.33
ZN ZN F . -7.21 4.83 -2.34
C1 NAG G . 3.27 -1.56 -25.06
C2 NAG G . 4.49 -2.56 -24.93
C3 NAG G . 4.71 -3.53 -26.14
C4 NAG G . 3.72 -3.40 -27.30
C5 NAG G . 3.16 -2.02 -27.29
C6 NAG G . 2.21 -1.69 -28.43
C7 NAG G . 6.10 -1.33 -23.51
C8 NAG G . 7.31 -0.46 -23.52
N2 NAG G . 5.68 -1.75 -24.71
O3 NAG G . 4.68 -4.87 -25.66
O4 NAG G . 4.33 -3.69 -28.54
O5 NAG G . 2.42 -1.96 -26.08
O6 NAG G . 1.51 -2.84 -28.89
O7 NAG G . 5.51 -1.64 -22.48
H1 NAG G . 3.61 -0.67 -25.25
H2 NAG G . 4.35 -3.10 -24.14
H3 NAG G . 5.60 -3.36 -26.50
H4 NAG G . 2.99 -4.04 -27.16
H5 NAG G . 3.88 -1.36 -27.27
H61 NAG G . 2.73 -1.31 -29.16
H62 NAG G . 1.56 -1.04 -28.12
H81 NAG G . 7.14 0.34 -24.04
H82 NAG G . 8.06 -0.94 -23.91
H83 NAG G . 7.53 -0.20 -22.60
HN2 NAG G . 6.14 -1.47 -25.45
HO3 NAG G . 4.85 -5.42 -26.33
HO6 NAG G . 0.65 -2.68 -28.87
NA NA H . -8.74 4.52 20.54
I IOD I . 10.72 6.84 9.45
I IOD J . -22.72 -3.13 3.58
I IOD K . -2.68 8.93 -23.19
I IOD L . -18.66 3.90 0.90
I IOD M . -1.16 -3.07 -24.05
I IOD N . 2.36 27.98 -17.71
I IOD O . 15.80 3.91 -14.97
I IOD P . -1.35 -14.96 -14.29
I IOD Q . -1.64 6.02 -30.53
I IOD R . 11.37 -15.61 15.32
I IOD S . -21.58 -9.31 11.34
I IOD T . 8.51 6.36 -21.40
I IOD U . -8.28 20.77 6.02
I IOD V . -0.36 2.09 -30.87
I IOD W . -21.86 7.61 10.50
I IOD X . -9.97 -20.57 -3.80
I IOD Y . 11.14 12.53 -24.25
I IOD Z . -3.01 -26.22 12.14
I IOD AA . 7.69 -9.09 26.73
I IOD BA . -5.36 29.29 -20.21
I IOD CA . -3.44 7.72 -5.26
I IOD DA . -13.51 -18.89 -5.88
I IOD EA . -11.52 -2.58 -16.60
I IOD FA . -12.57 -10.63 -11.67
I IOD GA . -15.46 -11.44 18.67
#